data_3ROT
#
_entry.id   3ROT
#
_cell.length_a   48.693
_cell.length_b   117.860
_cell.length_c   54.607
_cell.angle_alpha   90.00
_cell.angle_beta   107.39
_cell.angle_gamma   90.00
#
_symmetry.space_group_name_H-M   'P 1 21 1'
#
loop_
_entity.id
_entity.type
_entity.pdbx_description
1 polymer 'ABC sugar transporter, periplasmic sugar binding protein'
2 non-polymer GLYCEROL
3 water water
#
_entity_poly.entity_id   1
_entity_poly.type   'polypeptide(L)'
_entity_poly.pdbx_seq_one_letter_code
;(MSE)VRDKYYLITHGSQDPYWTSLFQGAKKAAEELKVDLQILAPPGANDVPKQVQFIESALATYPSGIATTIPSDTAFS
KSLQRANKLNIPVIAVDTRPKDKTKNPYLVFLGSDNLLAGKKLGEKALELTPSAKRALVLNPQPGHIGLEKRAYGIKTIL
QDKGIFFEELDVGTDPNQVQSRVKSYFKIHPETNIIFCLTSQALDPLGQ(MSE)LLHPDRYDFNYQPQVYSFDKTPNTVS
LIHKKLVNYV(MSE)DQQPFL(MSE)GYLSITQLVL(MSE)NRYQLNPVNINTA(MSE)AENLYFQSHHHHHHWSHPQFE
K
;
_entity_poly.pdbx_strand_id   A,B
#
# COMPACT_ATOMS: atom_id res chain seq x y z
N ARG A 3 -33.49 -4.45 -5.82
CA ARG A 3 -32.66 -5.60 -5.41
C ARG A 3 -32.42 -5.59 -3.89
N ASP A 4 -32.09 -6.74 -3.33
CA ASP A 4 -31.81 -6.84 -1.91
C ASP A 4 -30.45 -6.19 -1.62
N LYS A 5 -30.35 -5.54 -0.45
CA LYS A 5 -29.11 -4.87 -0.07
C LYS A 5 -28.23 -5.67 0.89
N TYR A 6 -26.95 -5.77 0.56
CA TYR A 6 -26.00 -6.50 1.38
C TYR A 6 -24.77 -5.64 1.67
N TYR A 7 -24.10 -5.94 2.78
CA TYR A 7 -22.91 -5.19 3.19
C TYR A 7 -21.73 -6.12 3.47
N LEU A 8 -20.54 -5.67 3.09
CA LEU A 8 -19.32 -6.41 3.36
C LEU A 8 -18.47 -5.38 4.12
N ILE A 9 -18.27 -5.64 5.40
CA ILE A 9 -17.52 -4.69 6.23
C ILE A 9 -16.22 -5.30 6.74
N THR A 10 -15.12 -4.56 6.59
CA THR A 10 -13.82 -5.04 7.05
C THR A 10 -13.08 -3.98 7.85
N HIS A 11 -11.95 -4.35 8.41
CA HIS A 11 -11.15 -3.44 9.21
C HIS A 11 -9.99 -2.84 8.42
N GLY A 12 -9.87 -3.19 7.16
CA GLY A 12 -8.80 -2.67 6.32
C GLY A 12 -9.16 -2.74 4.85
N SER A 13 -8.42 -2.01 4.02
CA SER A 13 -8.70 -2.01 2.60
C SER A 13 -7.50 -1.75 1.71
N GLN A 14 -6.32 -1.56 2.31
CA GLN A 14 -5.12 -1.31 1.51
C GLN A 14 -4.39 -2.57 1.06
N ASP A 15 -4.31 -3.55 1.95
CA ASP A 15 -3.66 -4.82 1.65
C ASP A 15 -4.29 -5.40 0.37
N PRO A 16 -3.47 -5.78 -0.63
CA PRO A 16 -3.98 -6.35 -1.88
C PRO A 16 -4.90 -7.55 -1.60
N TYR A 17 -4.76 -8.11 -0.40
CA TYR A 17 -5.56 -9.22 0.07
C TYR A 17 -7.05 -8.88 0.06
N TRP A 18 -7.36 -7.67 0.50
CA TRP A 18 -8.73 -7.20 0.56
C TRP A 18 -9.36 -7.04 -0.81
N THR A 19 -8.65 -6.44 -1.76
CA THR A 19 -9.22 -6.26 -3.08
C THR A 19 -9.60 -7.60 -3.70
N SER A 20 -8.90 -8.66 -3.30
CA SER A 20 -9.18 -9.98 -3.81
C SER A 20 -10.48 -10.48 -3.15
N LEU A 21 -10.62 -10.21 -1.86
CA LEU A 21 -11.81 -10.59 -1.13
C LEU A 21 -13.00 -9.80 -1.68
N PHE A 22 -12.81 -8.50 -1.88
CA PHE A 22 -13.86 -7.62 -2.39
C PHE A 22 -14.35 -8.05 -3.77
N GLN A 23 -13.43 -8.41 -4.66
CA GLN A 23 -13.81 -8.82 -6.01
C GLN A 23 -14.65 -10.10 -5.98
N GLY A 24 -14.29 -11.04 -5.12
CA GLY A 24 -15.07 -12.27 -5.01
C GLY A 24 -16.50 -11.97 -4.56
N ALA A 25 -16.62 -11.04 -3.62
CA ALA A 25 -17.92 -10.66 -3.10
C ALA A 25 -18.74 -9.95 -4.18
N LYS A 26 -18.10 -9.02 -4.89
CA LYS A 26 -18.74 -8.26 -5.97
C LYS A 26 -19.18 -9.17 -7.12
N LYS A 27 -18.34 -10.14 -7.46
CA LYS A 27 -18.63 -11.08 -8.53
C LYS A 27 -19.88 -11.90 -8.17
N ALA A 28 -19.94 -12.33 -6.90
CA ALA A 28 -21.08 -13.09 -6.42
C ALA A 28 -22.32 -12.21 -6.46
N ALA A 29 -22.17 -10.95 -6.01
CA ALA A 29 -23.29 -10.01 -6.01
C ALA A 29 -23.83 -9.86 -7.44
N GLU A 30 -22.92 -9.72 -8.40
CA GLU A 30 -23.28 -9.55 -9.81
C GLU A 30 -24.04 -10.74 -10.37
N GLU A 31 -23.54 -11.95 -10.14
CA GLU A 31 -24.20 -13.15 -10.66
C GLU A 31 -25.53 -13.44 -10.01
N LEU A 32 -25.67 -13.08 -8.73
CA LEU A 32 -26.90 -13.31 -8.00
C LEU A 32 -27.85 -12.14 -8.12
N LYS A 33 -27.39 -11.06 -8.77
CA LYS A 33 -28.22 -9.87 -8.97
C LYS A 33 -28.69 -9.16 -7.70
N VAL A 34 -27.81 -8.97 -6.75
CA VAL A 34 -28.16 -8.25 -5.52
C VAL A 34 -27.21 -7.07 -5.41
N ASP A 35 -27.58 -6.11 -4.57
CA ASP A 35 -26.72 -4.94 -4.39
C ASP A 35 -25.77 -5.18 -3.22
N LEU A 36 -24.54 -4.70 -3.37
CA LEU A 36 -23.53 -4.88 -2.35
C LEU A 36 -22.71 -3.62 -2.14
N GLN A 37 -22.69 -3.16 -0.89
CA GLN A 37 -21.89 -2.01 -0.54
C GLN A 37 -20.73 -2.51 0.33
N ILE A 38 -19.53 -2.02 0.07
CA ILE A 38 -18.35 -2.42 0.83
C ILE A 38 -17.88 -1.24 1.67
N LEU A 39 -17.76 -1.49 2.98
CA LEU A 39 -17.32 -0.48 3.93
C LEU A 39 -16.02 -0.92 4.62
N ALA A 40 -15.01 -0.08 4.52
CA ALA A 40 -13.71 -0.38 5.12
C ALA A 40 -12.93 0.92 5.35
N PRO A 41 -12.32 1.07 6.54
CA PRO A 41 -11.54 2.27 6.88
C PRO A 41 -10.46 2.54 5.83
N PRO A 42 -10.19 3.83 5.56
CA PRO A 42 -9.18 4.24 4.56
C PRO A 42 -7.77 3.72 4.86
N GLY A 43 -7.50 3.41 6.13
CA GLY A 43 -6.18 2.92 6.49
C GLY A 43 -6.02 1.41 6.36
N ALA A 44 -5.29 0.81 7.29
CA ALA A 44 -5.07 -0.63 7.27
C ALA A 44 -5.63 -1.27 8.53
N ASN A 45 -6.14 -0.41 9.42
CA ASN A 45 -6.71 -0.85 10.68
C ASN A 45 -7.35 0.28 11.48
N ASP A 46 -8.67 0.21 11.66
CA ASP A 46 -9.41 1.23 12.41
C ASP A 46 -10.70 0.58 12.93
N VAL A 47 -10.64 0.04 14.14
CA VAL A 47 -11.79 -0.64 14.75
C VAL A 47 -13.01 0.23 15.02
N PRO A 48 -12.84 1.31 15.81
CA PRO A 48 -13.99 2.18 16.09
C PRO A 48 -14.71 2.63 14.82
N LYS A 49 -13.94 2.91 13.77
CA LYS A 49 -14.52 3.32 12.50
C LYS A 49 -15.36 2.16 11.94
N GLN A 50 -14.82 0.96 12.00
CA GLN A 50 -15.54 -0.22 11.52
C GLN A 50 -16.81 -0.42 12.32
N VAL A 51 -16.74 -0.20 13.64
CA VAL A 51 -17.89 -0.36 14.50
C VAL A 51 -18.98 0.62 14.04
N GLN A 52 -18.59 1.84 13.71
CA GLN A 52 -19.55 2.82 13.25
C GLN A 52 -20.16 2.37 11.91
N PHE A 53 -19.32 1.82 11.03
CA PHE A 53 -19.80 1.31 9.75
C PHE A 53 -20.92 0.28 9.96
N ILE A 54 -20.66 -0.69 10.83
CA ILE A 54 -21.61 -1.74 11.13
C ILE A 54 -22.90 -1.15 11.69
N GLU A 55 -22.73 -0.16 12.57
CA GLU A 55 -23.84 0.51 13.22
C GLU A 55 -24.72 1.24 12.18
N SER A 56 -24.10 2.01 11.31
CA SER A 56 -24.87 2.74 10.30
C SER A 56 -25.49 1.76 9.30
N ALA A 57 -24.83 0.62 9.08
CA ALA A 57 -25.37 -0.36 8.16
C ALA A 57 -26.66 -0.94 8.74
N LEU A 58 -26.64 -1.26 10.03
CA LEU A 58 -27.79 -1.81 10.73
C LEU A 58 -29.03 -0.93 10.62
N ALA A 59 -28.84 0.38 10.70
CA ALA A 59 -29.93 1.34 10.62
C ALA A 59 -30.73 1.22 9.32
N THR A 60 -30.07 0.76 8.26
CA THR A 60 -30.72 0.62 6.96
C THR A 60 -31.48 -0.68 6.81
N TYR A 61 -31.43 -1.53 7.84
CA TYR A 61 -32.10 -2.83 7.80
C TYR A 61 -31.79 -3.60 6.51
N PRO A 62 -30.51 -3.94 6.28
CA PRO A 62 -30.10 -4.68 5.08
C PRO A 62 -30.51 -6.15 5.12
N SER A 63 -30.41 -6.82 3.98
CA SER A 63 -30.76 -8.23 3.88
C SER A 63 -29.71 -9.09 4.59
N GLY A 64 -28.49 -8.58 4.72
CA GLY A 64 -27.44 -9.33 5.37
C GLY A 64 -26.14 -8.55 5.42
N ILE A 65 -25.25 -8.97 6.30
CA ILE A 65 -23.96 -8.33 6.47
C ILE A 65 -22.88 -9.37 6.67
N ALA A 66 -21.75 -9.17 5.99
CA ALA A 66 -20.61 -10.04 6.15
C ALA A 66 -19.60 -9.08 6.77
N THR A 67 -18.92 -9.50 7.82
CA THR A 67 -17.96 -8.62 8.47
C THR A 67 -16.83 -9.38 9.16
N THR A 68 -15.69 -8.72 9.29
CA THR A 68 -14.55 -9.31 9.99
C THR A 68 -14.82 -8.92 11.45
N ILE A 69 -14.26 -9.68 12.39
CA ILE A 69 -14.45 -9.38 13.80
C ILE A 69 -13.09 -9.61 14.46
N PRO A 70 -12.16 -8.65 14.28
CA PRO A 70 -10.79 -8.69 14.82
C PRO A 70 -10.64 -8.33 16.29
N SER A 71 -11.74 -8.23 17.02
CA SER A 71 -11.71 -7.91 18.44
C SER A 71 -12.75 -8.70 19.21
N ASP A 72 -12.40 -9.13 20.42
CA ASP A 72 -13.33 -9.91 21.24
C ASP A 72 -14.31 -9.00 21.99
N THR A 73 -14.05 -7.70 22.01
CA THR A 73 -14.91 -6.76 22.74
C THR A 73 -15.55 -5.62 21.94
N ALA A 74 -14.78 -5.04 21.02
CA ALA A 74 -15.25 -3.91 20.21
C ALA A 74 -16.58 -4.08 19.48
N PHE A 75 -16.87 -5.28 18.98
CA PHE A 75 -18.08 -5.52 18.22
C PHE A 75 -19.30 -6.12 18.92
N SER A 76 -19.11 -6.58 20.16
CA SER A 76 -20.20 -7.21 20.92
C SER A 76 -21.56 -6.55 20.83
N LYS A 77 -21.63 -5.30 21.24
CA LYS A 77 -22.89 -4.56 21.24
C LYS A 77 -23.52 -4.49 19.86
N SER A 78 -22.71 -4.20 18.85
CA SER A 78 -23.19 -4.10 17.47
C SER A 78 -23.74 -5.44 17.00
N LEU A 79 -23.00 -6.51 17.31
CA LEU A 79 -23.40 -7.86 16.93
C LEU A 79 -24.72 -8.23 17.60
N GLN A 80 -24.81 -7.94 18.90
CA GLN A 80 -26.01 -8.24 19.64
C GLN A 80 -27.18 -7.43 19.09
N ARG A 81 -26.92 -6.17 18.77
CA ARG A 81 -27.96 -5.32 18.20
C ARG A 81 -28.46 -5.96 16.91
N ALA A 82 -27.53 -6.29 16.02
CA ALA A 82 -27.88 -6.92 14.75
C ALA A 82 -28.72 -8.15 15.00
N ASN A 83 -28.33 -8.93 16.00
CA ASN A 83 -29.04 -10.15 16.33
C ASN A 83 -30.49 -9.87 16.71
N LYS A 84 -30.71 -8.80 17.48
CA LYS A 84 -32.06 -8.43 17.90
C LYS A 84 -32.92 -7.96 16.73
N LEU A 85 -32.32 -7.25 15.78
CA LEU A 85 -33.06 -6.75 14.63
C LEU A 85 -33.31 -7.86 13.61
N ASN A 86 -32.74 -9.03 13.88
CA ASN A 86 -32.90 -10.19 13.00
C ASN A 86 -32.19 -10.03 11.66
N ILE A 87 -31.14 -9.20 11.63
CA ILE A 87 -30.34 -9.00 10.43
C ILE A 87 -29.25 -10.06 10.47
N PRO A 88 -29.20 -10.95 9.46
CA PRO A 88 -28.19 -12.01 9.42
C PRO A 88 -26.78 -11.44 9.34
N VAL A 89 -25.87 -11.97 10.14
CA VAL A 89 -24.49 -11.53 10.11
C VAL A 89 -23.57 -12.72 9.99
N ILE A 90 -22.68 -12.67 9.00
CA ILE A 90 -21.72 -13.73 8.76
C ILE A 90 -20.33 -13.19 9.03
N ALA A 91 -19.50 -13.97 9.73
CA ALA A 91 -18.16 -13.53 10.03
C ALA A 91 -17.21 -14.05 8.96
N VAL A 92 -16.33 -13.18 8.48
CA VAL A 92 -15.37 -13.56 7.47
C VAL A 92 -13.97 -13.11 7.87
N ASP A 93 -12.97 -13.89 7.44
CA ASP A 93 -11.57 -13.61 7.68
C ASP A 93 -11.12 -13.79 9.12
N THR A 94 -11.77 -13.09 10.04
CA THR A 94 -11.42 -13.18 11.45
C THR A 94 -12.68 -13.30 12.27
N ARG A 95 -12.64 -14.16 13.28
CA ARG A 95 -13.79 -14.35 14.14
C ARG A 95 -13.42 -14.25 15.62
N PRO A 96 -14.40 -13.92 16.48
CA PRO A 96 -14.18 -13.80 17.92
C PRO A 96 -14.10 -15.17 18.58
N LYS A 97 -13.59 -15.23 19.81
CA LYS A 97 -13.49 -16.51 20.50
C LYS A 97 -14.84 -16.98 21.07
N ASP A 98 -15.68 -16.05 21.51
CA ASP A 98 -16.95 -16.40 22.11
C ASP A 98 -18.15 -15.78 21.41
N LYS A 99 -18.88 -16.59 20.64
CA LYS A 99 -20.03 -16.08 19.91
C LYS A 99 -21.29 -15.86 20.75
N THR A 100 -21.24 -16.20 22.03
CA THR A 100 -22.41 -15.96 22.89
C THR A 100 -22.42 -14.45 23.10
N LYS A 101 -21.23 -13.90 23.35
CA LYS A 101 -21.06 -12.46 23.56
C LYS A 101 -21.00 -11.73 22.24
N ASN A 102 -20.48 -12.40 21.21
CA ASN A 102 -20.34 -11.83 19.88
C ASN A 102 -21.07 -12.70 18.86
N PRO A 103 -22.41 -12.64 18.86
CA PRO A 103 -23.22 -13.44 17.94
C PRO A 103 -23.03 -13.16 16.45
N TYR A 104 -22.99 -14.24 15.69
CA TYR A 104 -22.87 -14.21 14.24
C TYR A 104 -23.30 -15.61 13.84
N LEU A 105 -23.78 -15.78 12.61
CA LEU A 105 -24.26 -17.08 12.17
C LEU A 105 -23.15 -18.11 11.93
N VAL A 106 -22.33 -17.84 10.93
CA VAL A 106 -21.25 -18.74 10.57
C VAL A 106 -19.98 -17.97 10.23
N PHE A 107 -18.88 -18.69 10.10
CA PHE A 107 -17.59 -18.10 9.78
C PHE A 107 -16.97 -18.71 8.54
N LEU A 108 -16.57 -17.85 7.61
CA LEU A 108 -15.90 -18.25 6.39
C LEU A 108 -14.49 -17.66 6.46
N GLY A 109 -13.50 -18.52 6.45
CA GLY A 109 -12.11 -18.06 6.52
C GLY A 109 -11.29 -19.26 6.90
N SER A 110 -10.05 -19.04 7.32
CA SER A 110 -9.23 -20.17 7.71
C SER A 110 -9.13 -20.24 9.23
N ASP A 111 -8.64 -21.37 9.71
CA ASP A 111 -8.44 -21.59 11.14
C ASP A 111 -7.05 -21.01 11.39
N ASN A 112 -6.99 -19.77 11.85
CA ASN A 112 -5.73 -19.09 12.09
C ASN A 112 -4.69 -19.84 12.90
N LEU A 113 -5.11 -20.46 14.00
CA LEU A 113 -4.20 -21.22 14.84
C LEU A 113 -3.56 -22.33 14.03
N LEU A 114 -4.40 -23.15 13.40
CA LEU A 114 -3.90 -24.26 12.61
C LEU A 114 -3.01 -23.78 11.45
N ALA A 115 -3.40 -22.68 10.80
CA ALA A 115 -2.60 -22.14 9.70
C ALA A 115 -1.21 -21.76 10.20
N GLY A 116 -1.14 -21.16 11.38
CA GLY A 116 0.14 -20.80 11.95
C GLY A 116 1.01 -22.03 12.19
N LYS A 117 0.41 -23.05 12.81
CA LYS A 117 1.15 -24.28 13.08
C LYS A 117 1.68 -24.86 11.79
N LYS A 118 0.81 -24.88 10.77
CA LYS A 118 1.18 -25.40 9.46
C LYS A 118 2.32 -24.61 8.82
N LEU A 119 2.31 -23.29 8.98
CA LEU A 119 3.37 -22.50 8.39
C LEU A 119 4.66 -22.82 9.12
N GLY A 120 4.56 -22.92 10.44
CA GLY A 120 5.72 -23.26 11.25
C GLY A 120 6.33 -24.58 10.82
N GLU A 121 5.50 -25.61 10.62
CA GLU A 121 5.99 -26.92 10.20
C GLU A 121 6.63 -26.93 8.83
N LYS A 122 6.10 -26.11 7.91
CA LYS A 122 6.65 -26.05 6.57
C LYS A 122 8.01 -25.36 6.55
N ALA A 123 8.15 -24.30 7.33
CA ALA A 123 9.41 -23.56 7.41
C ALA A 123 10.52 -24.46 7.98
N LEU A 124 10.17 -25.33 8.92
CA LEU A 124 11.17 -26.22 9.51
C LEU A 124 11.57 -27.31 8.53
N GLU A 125 10.68 -27.62 7.61
CA GLU A 125 10.94 -28.64 6.59
C GLU A 125 11.85 -28.02 5.51
N LEU A 126 11.44 -26.86 5.02
CA LEU A 126 12.18 -26.17 3.98
C LEU A 126 13.46 -25.49 4.46
N THR A 127 13.52 -25.18 5.76
CA THR A 127 14.70 -24.52 6.33
C THR A 127 15.25 -25.35 7.50
N PRO A 128 15.87 -26.50 7.20
CA PRO A 128 16.46 -27.43 8.18
C PRO A 128 17.54 -26.77 9.03
N SER A 129 18.23 -25.80 8.45
CA SER A 129 19.30 -25.08 9.13
C SER A 129 18.78 -24.04 10.13
N ALA A 130 17.47 -24.01 10.34
CA ALA A 130 16.84 -23.07 11.27
C ALA A 130 17.59 -22.89 12.60
N LYS A 131 17.93 -21.65 12.93
CA LYS A 131 18.64 -21.31 14.16
C LYS A 131 17.80 -20.39 15.05
N ARG A 132 17.27 -19.32 14.45
CA ARG A 132 16.49 -18.34 15.16
C ARG A 132 15.46 -17.70 14.21
N ALA A 133 14.21 -17.64 14.66
CA ALA A 133 13.13 -17.06 13.85
C ALA A 133 12.59 -15.78 14.43
N LEU A 134 12.15 -14.89 13.54
CA LEU A 134 11.58 -13.61 13.93
C LEU A 134 10.17 -13.56 13.36
N VAL A 135 9.19 -13.23 14.22
CA VAL A 135 7.80 -13.13 13.80
C VAL A 135 7.39 -11.68 13.77
N LEU A 136 7.03 -11.19 12.58
CA LEU A 136 6.65 -9.79 12.41
C LEU A 136 5.14 -9.58 12.47
N ASN A 137 4.69 -8.84 13.49
CA ASN A 137 3.27 -8.57 13.68
C ASN A 137 2.99 -7.13 13.27
N PRO A 138 2.17 -6.93 12.23
CA PRO A 138 1.90 -5.55 11.85
C PRO A 138 0.68 -4.98 12.55
N GLN A 139 -0.05 -5.82 13.28
CA GLN A 139 -1.24 -5.36 13.98
C GLN A 139 -1.52 -5.98 15.34
N PRO A 140 -0.77 -5.56 16.37
CA PRO A 140 -1.05 -6.16 17.67
C PRO A 140 -2.51 -5.79 17.98
N GLY A 141 -3.25 -6.67 18.62
CA GLY A 141 -4.64 -6.37 18.89
C GLY A 141 -5.54 -7.18 17.97
N HIS A 142 -5.03 -7.49 16.78
CA HIS A 142 -5.78 -8.28 15.80
C HIS A 142 -5.79 -9.73 16.32
N ILE A 143 -6.95 -10.19 16.78
CA ILE A 143 -7.06 -11.54 17.36
C ILE A 143 -6.75 -12.68 16.40
N GLY A 144 -6.92 -12.43 15.11
CA GLY A 144 -6.61 -13.46 14.12
C GLY A 144 -5.11 -13.63 14.03
N LEU A 145 -4.39 -12.52 13.95
CA LEU A 145 -2.94 -12.59 13.86
C LEU A 145 -2.32 -13.16 15.14
N GLU A 146 -2.96 -12.95 16.30
CA GLU A 146 -2.43 -13.48 17.54
C GLU A 146 -2.46 -15.01 17.46
N LYS A 147 -3.53 -15.56 16.91
CA LYS A 147 -3.66 -17.00 16.76
C LYS A 147 -2.58 -17.55 15.82
N ARG A 148 -2.30 -16.81 14.75
CA ARG A 148 -1.25 -17.22 13.80
C ARG A 148 0.10 -17.30 14.47
N ALA A 149 0.46 -16.21 15.17
CA ALA A 149 1.73 -16.14 15.88
C ALA A 149 1.84 -17.28 16.88
N TYR A 150 0.77 -17.50 17.64
CA TYR A 150 0.76 -18.56 18.64
C TYR A 150 1.01 -19.91 17.98
N GLY A 151 0.30 -20.16 16.88
CA GLY A 151 0.48 -21.42 16.18
C GLY A 151 1.91 -21.61 15.72
N ILE A 152 2.53 -20.54 15.23
CA ILE A 152 3.90 -20.64 14.76
C ILE A 152 4.86 -20.94 15.92
N LYS A 153 4.70 -20.20 17.01
CA LYS A 153 5.54 -20.38 18.18
C LYS A 153 5.50 -21.78 18.80
N THR A 154 4.33 -22.41 18.79
CA THR A 154 4.22 -23.76 19.35
C THR A 154 5.12 -24.72 18.58
N ILE A 155 5.12 -24.61 17.25
CA ILE A 155 5.97 -25.48 16.45
C ILE A 155 7.45 -25.17 16.72
N LEU A 156 7.78 -23.89 16.76
CA LEU A 156 9.16 -23.48 17.00
C LEU A 156 9.65 -23.89 18.38
N GLN A 157 8.77 -23.80 19.37
CA GLN A 157 9.14 -24.18 20.73
C GLN A 157 9.41 -25.69 20.77
N ASP A 158 8.54 -26.46 20.11
CA ASP A 158 8.66 -27.92 20.07
C ASP A 158 10.01 -28.39 19.57
N LYS A 159 10.58 -27.65 18.63
CA LYS A 159 11.86 -28.03 18.04
C LYS A 159 13.06 -27.32 18.67
N GLY A 160 12.80 -26.49 19.66
CA GLY A 160 13.89 -25.78 20.32
C GLY A 160 14.54 -24.70 19.47
N ILE A 161 13.74 -24.03 18.65
CA ILE A 161 14.24 -22.96 17.80
C ILE A 161 13.96 -21.67 18.56
N PHE A 162 14.98 -20.85 18.74
CA PHE A 162 14.83 -19.58 19.44
C PHE A 162 13.95 -18.68 18.58
N PHE A 163 13.11 -17.88 19.21
CA PHE A 163 12.22 -17.01 18.45
C PHE A 163 11.77 -15.80 19.25
N GLU A 164 11.30 -14.78 18.53
CA GLU A 164 10.81 -13.56 19.18
C GLU A 164 9.77 -12.93 18.25
N GLU A 165 8.72 -12.36 18.83
CA GLU A 165 7.70 -11.68 18.05
C GLU A 165 7.97 -10.19 18.11
N LEU A 166 7.98 -9.55 16.95
CA LEU A 166 8.24 -8.13 16.88
C LEU A 166 7.05 -7.36 16.31
N ASP A 167 6.64 -6.32 17.03
CA ASP A 167 5.54 -5.47 16.60
C ASP A 167 6.13 -4.44 15.63
N VAL A 168 5.91 -4.64 14.35
CA VAL A 168 6.47 -3.73 13.34
C VAL A 168 5.50 -2.67 12.83
N GLY A 169 4.23 -2.78 13.17
CA GLY A 169 3.27 -1.81 12.70
C GLY A 169 3.07 -1.96 11.20
N THR A 170 2.53 -0.94 10.53
CA THR A 170 2.31 -1.02 9.09
C THR A 170 3.09 0.00 8.27
N ASP A 171 3.63 1.03 8.91
CA ASP A 171 4.41 2.04 8.20
C ASP A 171 5.66 1.36 7.61
N PRO A 172 5.77 1.32 6.28
CA PRO A 172 6.92 0.70 5.60
C PRO A 172 8.29 1.07 6.19
N ASN A 173 8.51 2.35 6.44
CA ASN A 173 9.76 2.82 6.98
C ASN A 173 10.04 2.24 8.37
N GLN A 174 9.02 2.18 9.22
CA GLN A 174 9.20 1.64 10.54
C GLN A 174 9.46 0.14 10.53
N VAL A 175 8.75 -0.59 9.68
CA VAL A 175 8.94 -2.03 9.60
C VAL A 175 10.41 -2.33 9.25
N GLN A 176 10.93 -1.62 8.27
CA GLN A 176 12.32 -1.82 7.86
C GLN A 176 13.29 -1.46 8.99
N SER A 177 13.04 -0.33 9.63
CA SER A 177 13.88 0.13 10.73
C SER A 177 13.99 -0.90 11.84
N ARG A 178 12.84 -1.31 12.35
CA ARG A 178 12.76 -2.27 13.43
C ARG A 178 13.35 -3.64 13.09
N VAL A 179 13.21 -4.04 11.83
CA VAL A 179 13.77 -5.32 11.39
C VAL A 179 15.29 -5.25 11.35
N LYS A 180 15.81 -4.18 10.77
CA LYS A 180 17.25 -3.99 10.68
C LYS A 180 17.88 -3.93 12.06
N SER A 181 17.23 -3.24 12.99
CA SER A 181 17.75 -3.12 14.35
C SER A 181 17.87 -4.51 14.99
N TYR A 182 16.86 -5.35 14.78
CA TYR A 182 16.87 -6.69 15.35
C TYR A 182 18.00 -7.54 14.80
N PHE A 183 18.21 -7.49 13.49
CA PHE A 183 19.29 -8.28 12.90
C PHE A 183 20.68 -7.81 13.34
N LYS A 184 20.80 -6.52 13.65
CA LYS A 184 22.07 -5.96 14.10
C LYS A 184 22.39 -6.58 15.46
N ILE A 185 21.34 -6.93 16.19
CA ILE A 185 21.51 -7.54 17.51
C ILE A 185 21.53 -9.07 17.43
N HIS A 186 20.77 -9.64 16.51
CA HIS A 186 20.74 -11.09 16.33
C HIS A 186 20.97 -11.47 14.89
N PRO A 187 22.22 -11.31 14.41
CA PRO A 187 22.58 -11.63 13.03
C PRO A 187 22.33 -13.09 12.63
N GLU A 188 22.34 -13.99 13.61
CA GLU A 188 22.13 -15.41 13.33
C GLU A 188 20.68 -15.70 12.92
N THR A 189 19.78 -14.74 13.13
CA THR A 189 18.38 -14.91 12.76
C THR A 189 18.35 -15.29 11.29
N ASN A 190 17.83 -16.47 10.96
CA ASN A 190 17.79 -16.91 9.57
C ASN A 190 16.41 -17.27 9.05
N ILE A 191 15.39 -17.03 9.87
CA ILE A 191 14.02 -17.30 9.45
C ILE A 191 13.11 -16.15 9.84
N ILE A 192 12.31 -15.69 8.89
CA ILE A 192 11.36 -14.63 9.16
C ILE A 192 9.96 -15.05 8.76
N PHE A 193 9.02 -14.84 9.67
CA PHE A 193 7.62 -15.16 9.45
C PHE A 193 6.85 -13.84 9.42
N CYS A 194 6.20 -13.55 8.29
CA CYS A 194 5.40 -12.32 8.18
C CYS A 194 3.94 -12.74 8.37
N LEU A 195 3.27 -12.16 9.36
CA LEU A 195 1.88 -12.51 9.65
C LEU A 195 0.90 -12.05 8.56
N THR A 196 1.27 -11.05 7.78
CA THR A 196 0.45 -10.59 6.64
C THR A 196 1.37 -9.95 5.62
N SER A 197 0.84 -9.64 4.44
CA SER A 197 1.65 -9.03 3.40
C SER A 197 2.10 -7.61 3.78
N GLN A 198 1.43 -7.00 4.75
CA GLN A 198 1.80 -5.65 5.19
C GLN A 198 3.20 -5.64 5.80
N ALA A 199 3.61 -6.76 6.39
CA ALA A 199 4.93 -6.87 6.96
C ALA A 199 5.90 -7.25 5.84
N LEU A 200 5.45 -8.14 4.96
CA LEU A 200 6.29 -8.60 3.86
C LEU A 200 6.72 -7.55 2.82
N ASP A 201 5.80 -6.69 2.36
CA ASP A 201 6.18 -5.69 1.36
C ASP A 201 7.43 -4.87 1.68
N PRO A 202 7.42 -4.14 2.81
CA PRO A 202 8.62 -3.36 3.14
C PRO A 202 9.86 -4.25 3.34
N LEU A 203 9.65 -5.47 3.83
CA LEU A 203 10.76 -6.40 4.00
C LEU A 203 11.26 -6.83 2.61
N GLY A 204 10.33 -7.13 1.70
CA GLY A 204 10.69 -7.55 0.36
C GLY A 204 11.51 -6.52 -0.42
N GLN A 205 11.32 -5.25 -0.11
CA GLN A 205 12.06 -4.21 -0.82
C GLN A 205 13.54 -4.31 -0.46
N LEU A 207 15.05 -7.13 0.55
CA LEU A 207 15.51 -8.40 -0.01
C LEU A 207 15.87 -8.23 -1.49
N LEU A 208 15.21 -7.27 -2.14
CA LEU A 208 15.44 -7.02 -3.56
C LEU A 208 16.64 -6.07 -3.79
N HIS A 209 16.95 -5.24 -2.80
CA HIS A 209 18.08 -4.32 -2.89
C HIS A 209 18.82 -4.33 -1.56
N PRO A 210 19.43 -5.47 -1.23
CA PRO A 210 20.15 -5.61 0.03
C PRO A 210 21.26 -4.58 0.27
N ASP A 211 22.01 -4.20 -0.76
CA ASP A 211 23.07 -3.22 -0.58
C ASP A 211 22.49 -1.85 -0.22
N ARG A 212 21.42 -1.45 -0.91
CA ARG A 212 20.78 -0.16 -0.65
C ARG A 212 20.25 -0.02 0.77
N TYR A 213 19.76 -1.13 1.33
CA TYR A 213 19.21 -1.13 2.68
C TYR A 213 20.13 -1.70 3.74
N ASP A 214 21.34 -2.09 3.36
CA ASP A 214 22.28 -2.68 4.32
C ASP A 214 21.59 -3.85 5.02
N PHE A 215 21.09 -4.77 4.21
CA PHE A 215 20.40 -5.94 4.72
C PHE A 215 20.82 -7.12 3.85
N ASN A 216 22.04 -7.59 4.05
CA ASN A 216 22.57 -8.71 3.27
C ASN A 216 22.47 -10.06 3.99
N TYR A 217 21.67 -10.10 5.05
CA TYR A 217 21.49 -11.31 5.84
C TYR A 217 20.90 -12.49 5.08
N GLN A 218 20.06 -12.20 4.10
CA GLN A 218 19.44 -13.25 3.30
C GLN A 218 18.70 -14.31 4.13
N PRO A 219 17.74 -13.90 4.97
CA PRO A 219 17.01 -14.88 5.78
C PRO A 219 15.96 -15.62 4.94
N GLN A 220 15.49 -16.75 5.45
CA GLN A 220 14.47 -17.53 4.78
C GLN A 220 13.16 -16.93 5.25
N VAL A 221 12.30 -16.59 4.29
CA VAL A 221 11.05 -15.91 4.60
C VAL A 221 9.75 -16.67 4.34
N TYR A 222 8.84 -16.55 5.30
CA TYR A 222 7.54 -17.22 5.23
C TYR A 222 6.45 -16.18 5.46
N SER A 223 5.31 -16.35 4.79
CA SER A 223 4.25 -15.37 4.95
C SER A 223 2.84 -15.92 4.73
N PHE A 224 1.89 -14.99 4.76
CA PHE A 224 0.48 -15.30 4.55
C PHE A 224 -0.04 -14.43 3.42
N ASP A 225 -0.87 -15.02 2.56
CA ASP A 225 -1.51 -14.33 1.44
C ASP A 225 -0.63 -14.13 0.24
N LYS A 226 -1.04 -14.75 -0.87
CA LYS A 226 -0.28 -14.67 -2.11
C LYS A 226 -0.68 -13.45 -2.94
N THR A 227 -0.25 -12.27 -2.48
CA THR A 227 -0.52 -11.02 -3.18
C THR A 227 0.46 -10.96 -4.36
N PRO A 228 0.21 -10.07 -5.33
CA PRO A 228 1.09 -9.93 -6.50
C PRO A 228 2.58 -9.83 -6.15
N ASN A 229 2.90 -8.94 -5.21
CA ASN A 229 4.29 -8.78 -4.82
C ASN A 229 4.82 -10.04 -4.12
N THR A 230 3.96 -10.68 -3.34
CA THR A 230 4.34 -11.90 -2.62
C THR A 230 4.67 -13.00 -3.64
N VAL A 231 3.83 -13.10 -4.67
CA VAL A 231 4.03 -14.10 -5.73
C VAL A 231 5.34 -13.83 -6.46
N SER A 232 5.63 -12.55 -6.69
CA SER A 232 6.86 -12.20 -7.38
C SER A 232 8.07 -12.59 -6.55
N LEU A 233 8.01 -12.33 -5.25
CA LEU A 233 9.12 -12.66 -4.36
C LEU A 233 9.30 -14.17 -4.28
N ILE A 234 8.21 -14.92 -4.42
CA ILE A 234 8.30 -16.37 -4.39
C ILE A 234 9.08 -16.85 -5.63
N HIS A 235 8.72 -16.31 -6.79
CA HIS A 235 9.38 -16.67 -8.05
C HIS A 235 10.87 -16.34 -8.03
N LYS A 236 11.26 -15.31 -7.28
CA LYS A 236 12.66 -14.91 -7.18
C LYS A 236 13.38 -15.66 -6.06
N LYS A 237 12.68 -16.58 -5.41
CA LYS A 237 13.24 -17.36 -4.31
C LYS A 237 13.68 -16.52 -3.11
N LEU A 238 12.98 -15.41 -2.88
CA LEU A 238 13.30 -14.55 -1.76
C LEU A 238 12.34 -14.87 -0.60
N VAL A 239 11.30 -15.63 -0.92
CA VAL A 239 10.28 -16.08 0.02
C VAL A 239 10.07 -17.56 -0.30
N ASN A 240 10.13 -18.41 0.73
CA ASN A 240 10.02 -19.87 0.58
C ASN A 240 8.63 -20.49 0.46
N TYR A 241 7.70 -20.03 1.29
CA TYR A 241 6.37 -20.60 1.30
C TYR A 241 5.36 -19.60 1.87
N VAL A 242 4.19 -19.55 1.26
CA VAL A 242 3.16 -18.62 1.71
C VAL A 242 1.81 -19.31 1.84
N ASP A 244 -2.09 -19.68 1.78
CA ASP A 244 -3.14 -19.05 1.01
C ASP A 244 -4.50 -19.35 1.65
N GLN A 245 -5.22 -18.29 2.02
CA GLN A 245 -6.56 -18.42 2.62
C GLN A 245 -7.66 -18.34 1.54
N GLN A 246 -7.27 -18.08 0.30
CA GLN A 246 -8.21 -17.96 -0.83
C GLN A 246 -9.27 -16.89 -0.57
N PRO A 247 -8.86 -15.62 -0.44
CA PRO A 247 -9.81 -14.52 -0.18
C PRO A 247 -10.94 -14.36 -1.20
N PHE A 248 -10.66 -14.60 -2.48
CA PHE A 248 -11.67 -14.49 -3.52
C PHE A 248 -12.83 -15.44 -3.21
N LEU A 249 -12.48 -16.69 -2.87
CA LEU A 249 -13.46 -17.72 -2.53
C LEU A 249 -14.25 -17.31 -1.29
N GLY A 251 -14.80 -14.28 -0.22
CA GLY A 251 -15.73 -13.25 -0.62
C GLY A 251 -16.94 -13.80 -1.35
N TYR A 252 -16.69 -14.54 -2.42
CA TYR A 252 -17.75 -15.13 -3.25
C TYR A 252 -18.72 -15.96 -2.42
N LEU A 253 -18.19 -16.91 -1.67
CA LEU A 253 -19.03 -17.78 -0.87
C LEU A 253 -19.80 -17.11 0.26
N SER A 254 -19.24 -16.06 0.87
CA SER A 254 -19.97 -15.41 1.97
C SER A 254 -21.21 -14.67 1.44
N ILE A 255 -21.09 -13.95 0.33
CA ILE A 255 -22.26 -13.24 -0.21
C ILE A 255 -23.27 -14.26 -0.72
N THR A 256 -22.77 -15.34 -1.32
CA THR A 256 -23.62 -16.40 -1.85
C THR A 256 -24.50 -17.01 -0.77
N GLN A 257 -23.92 -17.29 0.39
CA GLN A 257 -24.70 -17.88 1.48
C GLN A 257 -25.73 -16.90 2.04
N LEU A 258 -25.36 -15.63 2.16
CA LEU A 258 -26.28 -14.64 2.69
C LEU A 258 -27.51 -14.58 1.80
N VAL A 259 -27.30 -14.66 0.48
CA VAL A 259 -28.38 -14.60 -0.48
C VAL A 259 -29.24 -15.87 -0.47
N LEU A 260 -28.59 -17.03 -0.53
CA LEU A 260 -29.31 -18.31 -0.52
C LEU A 260 -30.18 -18.39 0.73
N ASN A 262 -31.66 -15.79 2.29
CA ASN A 262 -32.85 -14.96 2.13
C ASN A 262 -33.82 -15.47 1.07
N ARG A 263 -33.30 -15.94 -0.05
CA ARG A 263 -34.13 -16.44 -1.15
C ARG A 263 -34.71 -17.84 -0.96
N TYR A 264 -34.02 -18.69 -0.24
CA TYR A 264 -34.47 -20.07 -0.09
C TYR A 264 -34.68 -20.62 1.31
N GLN A 265 -34.57 -19.76 2.31
CA GLN A 265 -34.77 -20.17 3.69
C GLN A 265 -33.84 -21.29 4.12
N LEU A 266 -32.58 -21.17 3.69
CA LEU A 266 -31.54 -22.15 4.02
C LEU A 266 -30.71 -21.60 5.15
N ASN A 267 -30.06 -22.49 5.89
CA ASN A 267 -29.20 -22.12 7.00
C ASN A 267 -27.76 -22.12 6.48
N PRO A 268 -27.06 -20.98 6.58
CA PRO A 268 -25.68 -20.94 6.10
C PRO A 268 -24.80 -21.81 6.99
N VAL A 269 -23.64 -22.21 6.46
CA VAL A 269 -22.74 -23.05 7.22
C VAL A 269 -21.32 -22.48 7.27
N ASN A 270 -20.56 -22.93 8.27
CA ASN A 270 -19.17 -22.51 8.46
C ASN A 270 -18.38 -23.11 7.30
N ILE A 271 -17.39 -22.39 6.81
CA ILE A 271 -16.56 -22.89 5.72
C ILE A 271 -15.11 -22.49 5.88
N ASN A 272 -14.22 -23.49 6.02
CA ASN A 272 -12.79 -23.23 6.12
C ASN A 272 -12.32 -23.07 4.66
N THR A 273 -11.92 -21.85 4.29
CA THR A 273 -11.52 -21.59 2.91
C THR A 273 -10.09 -21.97 2.55
N ALA A 274 -9.30 -22.43 3.51
CA ALA A 274 -7.92 -22.80 3.24
C ALA A 274 -7.79 -24.05 2.37
N ARG B 3 26.66 17.78 16.43
CA ARG B 3 26.00 16.84 15.48
C ARG B 3 24.87 17.61 14.77
N ASP B 4 25.10 17.98 13.51
CA ASP B 4 24.08 18.73 12.77
C ASP B 4 22.80 17.93 12.51
N LYS B 5 21.68 18.62 12.60
CA LYS B 5 20.36 18.02 12.42
C LYS B 5 19.70 18.43 11.10
N TYR B 6 19.21 17.42 10.38
CA TYR B 6 18.57 17.64 9.10
C TYR B 6 17.18 16.98 9.05
N TYR B 7 16.29 17.52 8.24
CA TYR B 7 14.94 16.99 8.08
C TYR B 7 14.58 16.68 6.63
N LEU B 8 13.82 15.61 6.46
CA LEU B 8 13.32 15.22 5.15
C LEU B 8 11.83 15.12 5.41
N ILE B 9 11.07 16.02 4.81
CA ILE B 9 9.62 16.06 5.00
C ILE B 9 8.90 15.83 3.68
N THR B 10 7.91 14.94 3.69
CA THR B 10 7.15 14.63 2.48
C THR B 10 5.65 14.64 2.75
N HIS B 11 4.87 14.50 1.67
CA HIS B 11 3.41 14.49 1.77
C HIS B 11 2.83 13.07 1.81
N GLY B 12 3.69 12.06 1.67
CA GLY B 12 3.25 10.68 1.70
C GLY B 12 4.36 9.74 2.18
N SER B 13 4.02 8.51 2.56
CA SER B 13 5.04 7.59 3.06
C SER B 13 4.73 6.10 2.94
N GLN B 14 3.55 5.74 2.44
CA GLN B 14 3.19 4.33 2.32
C GLN B 14 3.67 3.65 1.04
N ASP B 15 3.84 4.42 -0.04
CA ASP B 15 4.30 3.89 -1.31
C ASP B 15 5.75 3.39 -1.25
N PRO B 16 6.09 2.38 -2.09
CA PRO B 16 7.47 1.86 -2.11
C PRO B 16 8.41 2.97 -2.60
N TYR B 17 7.83 3.94 -3.31
CA TYR B 17 8.57 5.08 -3.83
C TYR B 17 9.18 5.89 -2.69
N TRP B 18 8.37 6.13 -1.66
CA TRP B 18 8.80 6.89 -0.50
C TRP B 18 9.91 6.17 0.27
N THR B 19 9.77 4.86 0.49
CA THR B 19 10.79 4.13 1.22
C THR B 19 12.13 4.14 0.48
N SER B 20 12.11 4.16 -0.85
CA SER B 20 13.38 4.21 -1.59
C SER B 20 14.01 5.57 -1.32
N LEU B 21 13.21 6.63 -1.44
CA LEU B 21 13.68 7.98 -1.22
C LEU B 21 14.18 8.17 0.22
N PHE B 22 13.46 7.57 1.17
CA PHE B 22 13.82 7.66 2.60
C PHE B 22 15.16 6.97 2.87
N GLN B 23 15.37 5.84 2.22
CA GLN B 23 16.58 5.06 2.40
C GLN B 23 17.81 5.76 1.79
N GLY B 24 17.61 6.48 0.69
CA GLY B 24 18.70 7.19 0.06
C GLY B 24 19.18 8.26 1.01
N ALA B 25 18.24 8.99 1.58
CA ALA B 25 18.53 10.06 2.53
C ALA B 25 19.17 9.49 3.80
N LYS B 26 18.64 8.38 4.30
CA LYS B 26 19.21 7.77 5.49
C LYS B 26 20.64 7.29 5.23
N LYS B 27 20.87 6.80 4.01
CA LYS B 27 22.19 6.29 3.61
C LYS B 27 23.20 7.45 3.59
N ALA B 28 22.81 8.57 2.99
CA ALA B 28 23.68 9.74 2.94
C ALA B 28 23.96 10.24 4.36
N ALA B 29 22.90 10.39 5.15
CA ALA B 29 23.04 10.85 6.53
C ALA B 29 24.09 10.02 7.27
N GLU B 30 23.97 8.71 7.15
CA GLU B 30 24.88 7.80 7.82
C GLU B 30 26.33 7.93 7.36
N GLU B 31 26.56 8.05 6.05
CA GLU B 31 27.93 8.16 5.55
C GLU B 31 28.57 9.53 5.83
N LEU B 32 27.76 10.57 5.94
CA LEU B 32 28.25 11.91 6.21
C LEU B 32 28.27 12.19 7.71
N LYS B 33 27.71 11.26 8.48
CA LYS B 33 27.67 11.38 9.92
C LYS B 33 26.86 12.58 10.45
N VAL B 34 25.62 12.67 9.99
CA VAL B 34 24.74 13.74 10.44
C VAL B 34 23.43 13.10 10.81
N ASP B 35 22.67 13.74 11.70
CA ASP B 35 21.38 13.22 12.12
C ASP B 35 20.29 13.61 11.13
N LEU B 36 19.42 12.67 10.83
CA LEU B 36 18.33 12.92 9.91
C LEU B 36 17.00 12.49 10.53
N GLN B 37 16.01 13.36 10.45
CA GLN B 37 14.69 13.03 10.95
C GLN B 37 13.73 13.10 9.76
N ILE B 38 12.96 12.04 9.56
CA ILE B 38 12.01 12.01 8.46
C ILE B 38 10.61 12.26 8.99
N LEU B 39 9.90 13.19 8.36
CA LEU B 39 8.54 13.53 8.76
C LEU B 39 7.62 13.34 7.56
N ALA B 40 6.62 12.48 7.71
CA ALA B 40 5.68 12.21 6.64
C ALA B 40 4.36 11.75 7.23
N PRO B 41 3.24 12.27 6.71
CA PRO B 41 1.91 11.88 7.20
C PRO B 41 1.68 10.40 6.99
N PRO B 42 0.81 9.79 7.81
CA PRO B 42 0.48 8.36 7.73
C PRO B 42 -0.17 7.88 6.42
N GLY B 43 -0.57 8.81 5.55
CA GLY B 43 -1.20 8.40 4.31
C GLY B 43 -0.42 8.62 3.03
N ALA B 44 -1.14 8.94 1.95
CA ALA B 44 -0.55 9.20 0.65
C ALA B 44 -0.51 10.71 0.40
N ASN B 45 -1.41 11.42 1.07
CA ASN B 45 -1.47 12.87 0.97
C ASN B 45 -2.26 13.48 2.11
N ASP B 46 -1.66 14.51 2.70
CA ASP B 46 -2.24 15.24 3.81
C ASP B 46 -1.39 16.50 3.92
N VAL B 47 -1.60 17.43 2.99
CA VAL B 47 -0.85 18.66 2.96
C VAL B 47 -0.91 19.49 4.25
N PRO B 48 -2.10 19.66 4.83
CA PRO B 48 -2.11 20.46 6.07
C PRO B 48 -1.21 19.88 7.16
N LYS B 49 -1.07 18.56 7.19
CA LYS B 49 -0.24 17.92 8.18
C LYS B 49 1.24 18.13 7.84
N GLN B 50 1.55 18.17 6.55
CA GLN B 50 2.93 18.37 6.12
C GLN B 50 3.37 19.78 6.48
N VAL B 51 2.48 20.74 6.30
CA VAL B 51 2.78 22.12 6.64
C VAL B 51 3.10 22.18 8.13
N GLN B 52 2.40 21.36 8.90
CA GLN B 52 2.60 21.29 10.34
C GLN B 52 4.01 20.82 10.67
N PHE B 53 4.45 19.78 9.97
CA PHE B 53 5.79 19.23 10.18
C PHE B 53 6.84 20.28 9.88
N ILE B 54 6.67 20.97 8.77
CA ILE B 54 7.63 21.98 8.36
C ILE B 54 7.72 23.10 9.40
N GLU B 55 6.57 23.54 9.91
CA GLU B 55 6.59 24.59 10.93
C GLU B 55 7.27 24.10 12.21
N SER B 56 7.02 22.84 12.58
CA SER B 56 7.62 22.28 13.79
C SER B 56 9.12 22.15 13.62
N ALA B 57 9.56 21.64 12.48
CA ALA B 57 10.98 21.48 12.22
C ALA B 57 11.71 22.83 12.25
N LEU B 58 11.15 23.82 11.56
CA LEU B 58 11.74 25.15 11.52
C LEU B 58 12.05 25.68 12.92
N ALA B 59 11.13 25.44 13.85
CA ALA B 59 11.28 25.91 15.22
C ALA B 59 12.49 25.31 15.95
N THR B 60 13.11 24.28 15.38
CA THR B 60 14.27 23.65 16.00
C THR B 60 15.58 24.15 15.40
N TYR B 61 15.48 25.15 14.53
CA TYR B 61 16.66 25.73 13.88
C TYR B 61 17.56 24.64 13.32
N PRO B 62 17.02 23.81 12.41
CA PRO B 62 17.80 22.73 11.80
C PRO B 62 18.84 23.26 10.82
N SER B 63 19.84 22.45 10.51
CA SER B 63 20.89 22.85 9.57
C SER B 63 20.40 22.82 8.13
N GLY B 64 19.29 22.14 7.89
CA GLY B 64 18.74 22.04 6.55
C GLY B 64 17.48 21.20 6.50
N ILE B 65 16.64 21.50 5.53
CA ILE B 65 15.39 20.79 5.33
C ILE B 65 15.19 20.45 3.86
N ALA B 66 14.86 19.20 3.60
CA ALA B 66 14.58 18.77 2.24
C ALA B 66 13.10 18.43 2.32
N THR B 67 12.28 19.07 1.52
CA THR B 67 10.85 18.80 1.57
C THR B 67 10.22 18.81 0.19
N THR B 68 9.11 18.09 0.06
CA THR B 68 8.36 18.06 -1.20
C THR B 68 7.46 19.30 -1.12
N ILE B 69 7.08 19.86 -2.27
CA ILE B 69 6.22 21.04 -2.27
C ILE B 69 5.16 20.80 -3.35
N PRO B 70 4.18 19.92 -3.05
CA PRO B 70 3.09 19.55 -3.96
C PRO B 70 1.94 20.54 -4.15
N SER B 71 2.07 21.73 -3.56
CA SER B 71 1.03 22.74 -3.68
C SER B 71 1.69 24.08 -4.00
N ASP B 72 0.97 24.93 -4.74
CA ASP B 72 1.49 26.24 -5.11
C ASP B 72 1.15 27.34 -4.10
N THR B 73 0.32 27.02 -3.10
CA THR B 73 -0.06 28.02 -2.10
C THR B 73 -0.01 27.58 -0.65
N ALA B 74 -0.25 26.29 -0.41
CA ALA B 74 -0.25 25.77 0.95
C ALA B 74 1.04 25.96 1.73
N PHE B 75 2.17 26.02 1.04
CA PHE B 75 3.45 26.14 1.71
C PHE B 75 4.08 27.53 1.73
N SER B 76 3.55 28.44 0.91
CA SER B 76 4.10 29.80 0.81
C SER B 76 4.53 30.44 2.13
N LYS B 77 3.64 30.46 3.12
CA LYS B 77 3.99 31.05 4.41
C LYS B 77 5.14 30.33 5.09
N SER B 78 5.08 29.00 5.15
CA SER B 78 6.15 28.23 5.80
C SER B 78 7.50 28.44 5.09
N LEU B 79 7.48 28.39 3.77
CA LEU B 79 8.69 28.56 2.98
C LEU B 79 9.27 29.97 3.15
N GLN B 80 8.41 30.97 3.15
CA GLN B 80 8.86 32.34 3.33
C GLN B 80 9.50 32.47 4.71
N ARG B 81 8.86 31.88 5.72
CA ARG B 81 9.39 31.92 7.07
C ARG B 81 10.79 31.32 7.11
N ALA B 82 10.94 30.12 6.56
CA ALA B 82 12.24 29.44 6.53
C ALA B 82 13.31 30.27 5.83
N ASN B 83 12.92 30.97 4.77
CA ASN B 83 13.87 31.80 4.04
C ASN B 83 14.35 32.96 4.89
N LYS B 84 13.45 33.57 5.66
CA LYS B 84 13.82 34.70 6.50
C LYS B 84 14.71 34.31 7.67
N LEU B 85 14.53 33.09 8.18
CA LEU B 85 15.35 32.62 9.29
C LEU B 85 16.65 32.02 8.80
N ASN B 86 16.84 32.07 7.49
CA ASN B 86 18.06 31.55 6.87
C ASN B 86 18.26 30.04 6.98
N ILE B 87 17.18 29.27 7.04
CA ILE B 87 17.28 27.82 7.12
C ILE B 87 17.25 27.31 5.68
N PRO B 88 18.35 26.70 5.21
CA PRO B 88 18.37 26.20 3.83
C PRO B 88 17.31 25.15 3.55
N VAL B 89 16.52 25.39 2.51
CA VAL B 89 15.47 24.48 2.10
C VAL B 89 15.71 24.00 0.68
N ILE B 90 15.72 22.68 0.51
CA ILE B 90 15.91 22.07 -0.78
C ILE B 90 14.61 21.34 -1.11
N ALA B 91 14.07 21.61 -2.30
CA ALA B 91 12.83 20.98 -2.73
C ALA B 91 13.15 19.65 -3.39
N VAL B 92 12.39 18.62 -3.04
CA VAL B 92 12.58 17.31 -3.64
C VAL B 92 11.25 16.73 -4.14
N ASP B 93 11.32 15.99 -5.25
CA ASP B 93 10.16 15.34 -5.85
C ASP B 93 9.19 16.28 -6.58
N THR B 94 8.59 17.22 -5.85
CA THR B 94 7.64 18.17 -6.44
C THR B 94 8.02 19.60 -6.05
N ARG B 95 7.91 20.51 -7.00
CA ARG B 95 8.25 21.92 -6.76
C ARG B 95 7.17 22.88 -7.25
N PRO B 96 7.08 24.06 -6.61
CA PRO B 96 6.12 25.12 -6.96
C PRO B 96 6.59 25.85 -8.20
N LYS B 97 5.65 26.51 -8.88
CA LYS B 97 5.99 27.23 -10.10
C LYS B 97 6.56 28.62 -9.83
N ASP B 98 6.30 29.16 -8.64
CA ASP B 98 6.76 30.49 -8.30
C ASP B 98 7.70 30.49 -7.09
N LYS B 99 8.99 30.69 -7.34
CA LYS B 99 9.98 30.71 -6.27
C LYS B 99 9.95 31.96 -5.38
N THR B 100 9.34 33.04 -5.85
CA THR B 100 9.28 34.24 -5.02
C THR B 100 8.21 34.06 -3.95
N LYS B 101 7.11 33.39 -4.31
CA LYS B 101 6.04 33.12 -3.36
C LYS B 101 6.41 31.92 -2.49
N ASN B 102 7.02 30.92 -3.12
CA ASN B 102 7.45 29.69 -2.44
C ASN B 102 8.97 29.53 -2.55
N PRO B 103 9.73 30.31 -1.78
CA PRO B 103 11.19 30.20 -1.85
C PRO B 103 11.80 28.89 -1.34
N TYR B 104 12.83 28.43 -2.04
CA TYR B 104 13.60 27.24 -1.71
C TYR B 104 14.88 27.43 -2.52
N LEU B 105 15.98 26.77 -2.12
CA LEU B 105 17.26 26.93 -2.81
C LEU B 105 17.31 26.27 -4.20
N VAL B 106 17.27 24.93 -4.21
CA VAL B 106 17.30 24.19 -5.46
C VAL B 106 16.32 23.02 -5.39
N PHE B 107 16.13 22.38 -6.54
CA PHE B 107 15.22 21.27 -6.69
C PHE B 107 15.93 20.02 -7.17
N LEU B 108 15.62 18.89 -6.56
CA LEU B 108 16.16 17.61 -6.98
C LEU B 108 14.94 16.76 -7.31
N GLY B 109 14.82 16.38 -8.58
CA GLY B 109 13.69 15.57 -8.97
C GLY B 109 13.59 15.51 -10.47
N SER B 110 12.45 15.07 -10.95
CA SER B 110 12.25 14.97 -12.37
C SER B 110 11.59 16.24 -12.88
N ASP B 111 11.66 16.45 -14.19
CA ASP B 111 11.00 17.59 -14.83
C ASP B 111 9.65 16.94 -15.18
N ASN B 112 8.68 17.06 -14.28
CA ASN B 112 7.39 16.41 -14.49
C ASN B 112 6.67 16.66 -15.82
N LEU B 113 6.78 17.88 -16.34
CA LEU B 113 6.12 18.19 -17.60
C LEU B 113 6.80 17.39 -18.72
N LEU B 114 8.13 17.39 -18.71
CA LEU B 114 8.88 16.65 -19.71
C LEU B 114 8.69 15.13 -19.61
N ALA B 115 8.79 14.60 -18.39
CA ALA B 115 8.62 13.16 -18.19
C ALA B 115 7.32 12.69 -18.83
N GLY B 116 6.27 13.47 -18.64
CA GLY B 116 4.98 13.12 -19.22
C GLY B 116 5.05 13.07 -20.73
N LYS B 117 5.68 14.07 -21.34
CA LYS B 117 5.80 14.11 -22.80
C LYS B 117 6.58 12.89 -23.26
N LYS B 118 7.65 12.58 -22.55
CA LYS B 118 8.47 11.43 -22.89
C LYS B 118 7.66 10.14 -22.84
N LEU B 119 6.77 10.01 -21.85
CA LEU B 119 5.95 8.80 -21.72
C LEU B 119 4.87 8.73 -22.80
N GLY B 120 4.29 9.87 -23.14
CA GLY B 120 3.26 9.90 -24.17
C GLY B 120 3.88 9.49 -25.51
N GLU B 121 5.06 10.02 -25.79
CA GLU B 121 5.76 9.71 -27.02
C GLU B 121 6.11 8.23 -27.07
N LYS B 122 6.57 7.69 -25.94
CA LYS B 122 6.94 6.29 -25.85
C LYS B 122 5.72 5.41 -26.10
N ALA B 123 4.59 5.82 -25.53
CA ALA B 123 3.36 5.05 -25.68
C ALA B 123 2.94 4.96 -27.15
N LEU B 124 2.90 6.11 -27.84
CA LEU B 124 2.49 6.14 -29.24
C LEU B 124 3.52 5.47 -30.15
N GLU B 125 4.75 5.37 -29.66
CA GLU B 125 5.82 4.76 -30.42
C GLU B 125 5.77 3.23 -30.28
N LEU B 126 5.43 2.74 -29.09
CA LEU B 126 5.34 1.30 -28.85
C LEU B 126 3.98 0.72 -29.25
N THR B 127 2.99 1.59 -29.42
CA THR B 127 1.65 1.16 -29.82
C THR B 127 0.99 2.21 -30.71
N PRO B 128 1.56 2.41 -31.91
CA PRO B 128 1.08 3.37 -32.92
C PRO B 128 -0.39 3.23 -33.32
N SER B 129 -0.92 2.02 -33.15
CA SER B 129 -2.31 1.74 -33.51
C SER B 129 -3.32 2.29 -32.51
N ALA B 130 -2.82 2.92 -31.45
CA ALA B 130 -3.70 3.46 -30.41
C ALA B 130 -4.56 4.61 -30.93
N LYS B 131 -5.83 4.62 -30.54
CA LYS B 131 -6.75 5.67 -30.95
C LYS B 131 -7.48 6.25 -29.74
N ARG B 132 -7.40 5.53 -28.63
CA ARG B 132 -8.05 5.92 -27.38
C ARG B 132 -7.15 5.66 -26.16
N ALA B 133 -7.00 6.67 -25.30
CA ALA B 133 -6.17 6.51 -24.12
C ALA B 133 -6.87 6.96 -22.84
N LEU B 134 -6.44 6.39 -21.72
CA LEU B 134 -7.00 6.70 -20.42
C LEU B 134 -5.89 7.08 -19.45
N VAL B 135 -6.03 8.23 -18.80
CA VAL B 135 -5.04 8.70 -17.84
C VAL B 135 -5.64 8.58 -16.43
N LEU B 136 -4.93 7.88 -15.54
CA LEU B 136 -5.39 7.67 -14.17
C LEU B 136 -4.61 8.53 -13.17
N ASN B 137 -5.32 9.49 -12.57
CA ASN B 137 -4.71 10.39 -11.60
C ASN B 137 -5.17 10.01 -10.21
N PRO B 138 -4.25 9.48 -9.38
CA PRO B 138 -4.64 9.11 -8.01
C PRO B 138 -4.83 10.30 -7.09
N GLN B 139 -4.28 11.45 -7.45
CA GLN B 139 -4.44 12.63 -6.61
C GLN B 139 -4.53 13.93 -7.41
N PRO B 140 -5.72 14.24 -7.96
CA PRO B 140 -5.90 15.47 -8.73
C PRO B 140 -5.56 16.64 -7.81
N GLY B 141 -4.80 17.60 -8.30
CA GLY B 141 -4.43 18.74 -7.47
C GLY B 141 -2.93 18.75 -7.22
N HIS B 142 -2.36 17.56 -7.11
CA HIS B 142 -0.92 17.39 -6.91
C HIS B 142 -0.30 18.07 -8.14
N ILE B 143 0.33 19.22 -7.92
CA ILE B 143 0.91 19.99 -9.03
C ILE B 143 1.93 19.23 -9.86
N GLY B 144 2.59 18.24 -9.25
CA GLY B 144 3.55 17.46 -9.99
C GLY B 144 2.84 16.51 -10.96
N LEU B 145 1.82 15.81 -10.48
CA LEU B 145 1.06 14.89 -11.33
C LEU B 145 0.33 15.66 -12.43
N GLU B 146 -0.12 16.86 -12.10
CA GLU B 146 -0.82 17.70 -13.07
C GLU B 146 0.10 18.02 -14.25
N LYS B 147 1.39 18.21 -13.99
CA LYS B 147 2.34 18.52 -15.07
C LYS B 147 2.56 17.28 -15.92
N ARG B 148 2.62 16.11 -15.27
CA ARG B 148 2.79 14.86 -16.00
C ARG B 148 1.65 14.64 -16.96
N ALA B 149 0.43 14.71 -16.42
CA ALA B 149 -0.77 14.53 -17.22
C ALA B 149 -0.79 15.52 -18.39
N TYR B 150 -0.43 16.76 -18.10
CA TYR B 150 -0.40 17.79 -19.13
C TYR B 150 0.57 17.42 -20.25
N GLY B 151 1.74 16.92 -19.86
CA GLY B 151 2.72 16.51 -20.84
C GLY B 151 2.15 15.46 -21.77
N ILE B 152 1.72 14.36 -21.18
CA ILE B 152 1.13 13.25 -21.94
C ILE B 152 0.05 13.75 -22.89
N LYS B 153 -0.89 14.53 -22.35
CA LYS B 153 -2.00 15.07 -23.13
C LYS B 153 -1.63 15.88 -24.36
N THR B 154 -0.54 16.64 -24.28
CA THR B 154 -0.11 17.44 -25.41
C THR B 154 0.41 16.54 -26.52
N ILE B 155 0.96 15.39 -26.14
CA ILE B 155 1.48 14.44 -27.11
C ILE B 155 0.31 13.72 -27.79
N LEU B 156 -0.69 13.34 -26.99
CA LEU B 156 -1.86 12.65 -27.49
C LEU B 156 -2.70 13.49 -28.44
N GLN B 157 -2.94 14.74 -28.07
CA GLN B 157 -3.73 15.63 -28.90
C GLN B 157 -3.01 15.96 -30.22
N ASP B 158 -1.74 16.29 -30.12
CA ASP B 158 -0.95 16.62 -31.30
C ASP B 158 -0.97 15.48 -32.32
N LYS B 159 -1.08 14.25 -31.82
CA LYS B 159 -1.12 13.08 -32.68
C LYS B 159 -2.56 12.68 -33.02
N GLY B 160 -3.53 13.42 -32.48
CA GLY B 160 -4.92 13.13 -32.76
C GLY B 160 -5.59 12.06 -31.90
N ILE B 161 -4.84 11.46 -31.00
CA ILE B 161 -5.38 10.42 -30.13
C ILE B 161 -6.46 10.96 -29.20
N PHE B 162 -7.51 10.19 -29.00
CA PHE B 162 -8.58 10.61 -28.10
C PHE B 162 -8.13 10.22 -26.69
N PHE B 163 -8.62 10.94 -25.68
CA PHE B 163 -8.21 10.64 -24.32
C PHE B 163 -9.10 11.30 -23.28
N GLU B 164 -8.95 10.83 -22.04
CA GLU B 164 -9.69 11.36 -20.91
C GLU B 164 -8.92 11.03 -19.63
N GLU B 165 -8.92 11.97 -18.69
CA GLU B 165 -8.23 11.77 -17.42
C GLU B 165 -9.27 11.41 -16.38
N LEU B 166 -8.94 10.43 -15.53
CA LEU B 166 -9.85 9.98 -14.52
C LEU B 166 -9.27 10.07 -13.10
N ASP B 167 -10.09 10.54 -12.15
CA ASP B 167 -9.67 10.62 -10.76
C ASP B 167 -10.00 9.27 -10.13
N VAL B 168 -8.96 8.50 -9.80
CA VAL B 168 -9.18 7.18 -9.21
C VAL B 168 -8.96 7.12 -7.70
N GLY B 169 -8.38 8.18 -7.12
CA GLY B 169 -8.11 8.18 -5.70
C GLY B 169 -7.01 7.17 -5.39
N THR B 170 -6.87 6.76 -4.14
CA THR B 170 -5.82 5.81 -3.79
C THR B 170 -6.33 4.47 -3.26
N ASP B 171 -7.62 4.38 -3.00
CA ASP B 171 -8.23 3.14 -2.50
C ASP B 171 -8.33 2.14 -3.66
N PRO B 172 -7.57 1.03 -3.59
CA PRO B 172 -7.51 -0.04 -4.59
C PRO B 172 -8.85 -0.46 -5.21
N ASN B 173 -9.82 -0.74 -4.36
CA ASN B 173 -11.15 -1.14 -4.80
C ASN B 173 -11.79 -0.05 -5.69
N GLN B 174 -11.61 1.21 -5.30
CA GLN B 174 -12.17 2.32 -6.06
C GLN B 174 -11.45 2.51 -7.40
N VAL B 175 -10.14 2.30 -7.40
CA VAL B 175 -9.37 2.44 -8.63
C VAL B 175 -9.88 1.41 -9.62
N GLN B 176 -9.97 0.16 -9.17
CA GLN B 176 -10.43 -0.93 -10.03
C GLN B 176 -11.84 -0.70 -10.57
N SER B 177 -12.77 -0.26 -9.73
CA SER B 177 -14.14 -0.08 -10.21
C SER B 177 -14.28 1.13 -11.15
N ARG B 178 -13.54 2.20 -10.88
CA ARG B 178 -13.58 3.37 -11.75
C ARG B 178 -13.04 2.99 -13.12
N VAL B 179 -12.02 2.14 -13.16
CA VAL B 179 -11.43 1.69 -14.42
C VAL B 179 -12.35 0.71 -15.14
N LYS B 180 -12.93 -0.23 -14.40
CA LYS B 180 -13.83 -1.20 -15.02
C LYS B 180 -15.05 -0.47 -15.59
N SER B 181 -15.49 0.58 -14.90
CA SER B 181 -16.63 1.38 -15.37
C SER B 181 -16.30 2.08 -16.67
N TYR B 182 -15.10 2.62 -16.76
CA TYR B 182 -14.66 3.33 -17.96
C TYR B 182 -14.57 2.39 -19.16
N PHE B 183 -13.99 1.21 -18.96
CA PHE B 183 -13.84 0.29 -20.08
C PHE B 183 -15.16 -0.30 -20.59
N LYS B 184 -16.18 -0.35 -19.74
CA LYS B 184 -17.46 -0.87 -20.18
C LYS B 184 -18.12 0.12 -21.12
N ILE B 185 -17.86 1.41 -20.90
CA ILE B 185 -18.42 2.46 -21.74
C ILE B 185 -17.55 2.66 -22.98
N HIS B 186 -16.24 2.50 -22.81
CA HIS B 186 -15.30 2.65 -23.91
C HIS B 186 -14.40 1.44 -23.98
N PRO B 187 -14.96 0.26 -24.32
CA PRO B 187 -14.23 -1.00 -24.42
C PRO B 187 -13.15 -1.03 -25.51
N GLU B 188 -12.96 0.10 -26.19
CA GLU B 188 -11.96 0.19 -27.24
C GLU B 188 -10.66 0.86 -26.78
N THR B 189 -10.65 1.35 -25.55
CA THR B 189 -9.47 2.02 -24.99
C THR B 189 -8.25 1.12 -25.14
N ASN B 190 -7.21 1.62 -25.82
CA ASN B 190 -6.00 0.85 -26.07
C ASN B 190 -4.84 1.11 -25.13
N ILE B 191 -4.82 2.29 -24.52
CA ILE B 191 -3.71 2.66 -23.64
C ILE B 191 -4.14 3.26 -22.31
N ILE B 192 -3.40 2.93 -21.26
CA ILE B 192 -3.67 3.45 -19.93
C ILE B 192 -2.39 4.03 -19.33
N PHE B 193 -2.47 5.29 -18.89
CA PHE B 193 -1.33 5.95 -18.27
C PHE B 193 -1.61 6.08 -16.78
N CYS B 194 -0.73 5.55 -15.94
CA CYS B 194 -0.88 5.66 -14.49
C CYS B 194 0.08 6.73 -14.00
N LEU B 195 -0.44 7.79 -13.37
CA LEU B 195 0.43 8.85 -12.91
C LEU B 195 1.37 8.44 -11.77
N THR B 196 1.02 7.38 -11.04
CA THR B 196 1.89 6.87 -9.97
C THR B 196 1.61 5.38 -9.81
N SER B 197 2.47 4.69 -9.07
CA SER B 197 2.28 3.27 -8.84
C SER B 197 1.01 3.04 -8.00
N GLN B 198 0.56 4.08 -7.31
CA GLN B 198 -0.65 3.94 -6.50
C GLN B 198 -1.84 3.59 -7.38
N ALA B 199 -1.81 4.04 -8.63
CA ALA B 199 -2.88 3.74 -9.57
C ALA B 199 -2.58 2.42 -10.29
N LEU B 200 -1.30 2.14 -10.52
CA LEU B 200 -0.92 0.92 -11.23
C LEU B 200 -1.18 -0.39 -10.47
N ASP B 201 -0.79 -0.42 -9.20
CA ASP B 201 -0.97 -1.63 -8.41
C ASP B 201 -2.36 -2.25 -8.48
N PRO B 202 -3.42 -1.45 -8.21
CA PRO B 202 -4.76 -2.05 -8.30
C PRO B 202 -5.06 -2.55 -9.72
N LEU B 203 -4.60 -1.81 -10.71
CA LEU B 203 -4.79 -2.20 -12.11
C LEU B 203 -4.01 -3.48 -12.43
N GLY B 204 -2.78 -3.55 -11.93
CA GLY B 204 -1.93 -4.71 -12.17
C GLY B 204 -2.58 -6.01 -11.70
N GLN B 205 -3.27 -5.94 -10.58
CA GLN B 205 -3.94 -7.11 -10.04
C GLN B 205 -5.00 -7.61 -11.02
N LEU B 207 -4.88 -7.12 -14.24
CA LEU B 207 -4.14 -7.58 -15.42
C LEU B 207 -3.57 -8.97 -15.16
N LEU B 208 -3.30 -9.29 -13.89
CA LEU B 208 -2.75 -10.59 -13.53
C LEU B 208 -3.83 -11.67 -13.42
N HIS B 209 -5.07 -11.26 -13.15
CA HIS B 209 -6.19 -12.18 -13.02
C HIS B 209 -7.39 -11.62 -13.78
N PRO B 210 -7.25 -11.48 -15.11
CA PRO B 210 -8.32 -10.92 -15.95
C PRO B 210 -9.71 -11.56 -15.82
N ASP B 211 -9.78 -12.88 -15.61
CA ASP B 211 -11.09 -13.54 -15.47
C ASP B 211 -11.76 -13.23 -14.13
N ARG B 212 -10.99 -13.29 -13.05
CA ARG B 212 -11.54 -12.99 -11.73
C ARG B 212 -12.11 -11.58 -11.66
N TYR B 213 -11.49 -10.65 -12.39
CA TYR B 213 -11.93 -9.27 -12.36
C TYR B 213 -12.75 -8.83 -13.58
N ASP B 214 -13.03 -9.75 -14.49
CA ASP B 214 -13.80 -9.42 -15.69
C ASP B 214 -13.15 -8.21 -16.35
N PHE B 215 -11.86 -8.35 -16.63
CA PHE B 215 -11.10 -7.28 -17.25
C PHE B 215 -10.14 -7.93 -18.24
N ASN B 216 -10.67 -8.41 -19.36
CA ASN B 216 -9.87 -9.09 -20.38
C ASN B 216 -9.38 -8.21 -21.53
N TYR B 217 -9.58 -6.91 -21.41
CA TYR B 217 -9.19 -5.96 -22.43
C TYR B 217 -7.72 -5.97 -22.85
N GLN B 218 -6.84 -6.33 -21.92
CA GLN B 218 -5.40 -6.35 -22.22
C GLN B 218 -4.89 -5.04 -22.82
N PRO B 219 -5.08 -3.91 -22.13
CA PRO B 219 -4.60 -2.65 -22.70
C PRO B 219 -3.08 -2.49 -22.56
N GLN B 220 -2.52 -1.52 -23.27
CA GLN B 220 -1.09 -1.24 -23.21
C GLN B 220 -0.97 -0.24 -22.07
N VAL B 221 -0.14 -0.55 -21.07
CA VAL B 221 0.00 0.30 -19.90
C VAL B 221 1.37 0.96 -19.72
N TYR B 222 1.35 2.22 -19.32
CA TYR B 222 2.55 3.01 -19.08
C TYR B 222 2.39 3.63 -17.70
N SER B 223 3.49 3.75 -16.96
CA SER B 223 3.41 4.28 -15.61
C SER B 223 4.63 5.10 -15.18
N PHE B 224 4.61 5.50 -13.91
CA PHE B 224 5.69 6.27 -13.30
C PHE B 224 6.16 5.53 -12.05
N ASP B 225 7.48 5.41 -11.91
CA ASP B 225 8.14 4.76 -10.77
C ASP B 225 8.29 3.25 -10.83
N LYS B 226 9.53 2.80 -10.77
CA LYS B 226 9.80 1.38 -10.84
C LYS B 226 9.78 0.68 -9.48
N THR B 227 8.60 0.59 -8.90
CA THR B 227 8.43 -0.08 -7.61
C THR B 227 8.55 -1.59 -7.84
N PRO B 228 8.71 -2.39 -6.77
CA PRO B 228 8.84 -3.83 -6.96
C PRO B 228 7.73 -4.46 -7.81
N ASN B 229 6.47 -4.15 -7.51
CA ASN B 229 5.38 -4.74 -8.28
C ASN B 229 5.40 -4.21 -9.73
N THR B 230 5.79 -2.95 -9.90
CA THR B 230 5.84 -2.37 -11.24
C THR B 230 6.84 -3.15 -12.09
N VAL B 231 7.99 -3.45 -11.49
CA VAL B 231 9.04 -4.21 -12.16
C VAL B 231 8.54 -5.60 -12.54
N SER B 232 7.76 -6.21 -11.66
CA SER B 232 7.23 -7.55 -11.92
C SER B 232 6.26 -7.53 -13.11
N LEU B 233 5.45 -6.48 -13.24
CA LEU B 233 4.50 -6.38 -14.33
C LEU B 233 5.21 -6.13 -15.66
N ILE B 234 6.32 -5.41 -15.60
CA ILE B 234 7.10 -5.13 -16.81
C ILE B 234 7.68 -6.44 -17.28
N HIS B 235 8.29 -7.17 -16.35
CA HIS B 235 8.87 -8.47 -16.66
C HIS B 235 7.82 -9.37 -17.30
N LYS B 236 6.61 -9.34 -16.76
CA LYS B 236 5.51 -10.15 -17.27
C LYS B 236 4.92 -9.60 -18.58
N LYS B 237 5.47 -8.48 -19.04
CA LYS B 237 5.00 -7.86 -20.27
C LYS B 237 3.55 -7.39 -20.20
N LEU B 238 3.15 -6.93 -19.02
CA LEU B 238 1.79 -6.43 -18.83
C LEU B 238 1.82 -4.92 -18.79
N VAL B 239 3.03 -4.37 -18.62
CA VAL B 239 3.28 -2.93 -18.59
C VAL B 239 4.38 -2.71 -19.60
N ASN B 240 4.20 -1.74 -20.50
CA ASN B 240 5.20 -1.47 -21.53
C ASN B 240 6.39 -0.61 -21.15
N TYR B 241 6.14 0.50 -20.46
CA TYR B 241 7.24 1.39 -20.09
C TYR B 241 6.94 2.21 -18.84
N VAL B 242 7.98 2.45 -18.04
CA VAL B 242 7.83 3.21 -16.81
C VAL B 242 8.96 4.21 -16.58
N ASP B 244 11.46 6.31 -14.62
CA ASP B 244 12.10 6.14 -13.34
C ASP B 244 12.73 7.46 -12.90
N GLN B 245 12.33 7.96 -11.73
CA GLN B 245 12.83 9.21 -11.17
C GLN B 245 14.02 8.98 -10.23
N GLN B 246 14.34 7.72 -9.96
CA GLN B 246 15.44 7.38 -9.05
C GLN B 246 15.30 8.06 -7.70
N PRO B 247 14.25 7.72 -6.94
CA PRO B 247 14.06 8.35 -5.63
C PRO B 247 15.22 8.16 -4.65
N PHE B 248 15.87 7.00 -4.70
CA PHE B 248 17.01 6.74 -3.82
C PHE B 248 18.12 7.77 -4.13
N LEU B 249 18.42 7.96 -5.41
CA LEU B 249 19.46 8.92 -5.77
C LEU B 249 19.03 10.31 -5.30
N GLY B 251 17.02 11.11 -2.77
CA GLY B 251 17.16 11.25 -1.32
C GLY B 251 18.61 11.41 -0.90
N TYR B 252 19.49 10.60 -1.46
CA TYR B 252 20.91 10.63 -1.13
C TYR B 252 21.55 11.97 -1.48
N LEU B 253 21.33 12.43 -2.71
CA LEU B 253 21.90 13.69 -3.14
C LEU B 253 21.35 14.91 -2.42
N SER B 254 20.09 14.88 -1.99
CA SER B 254 19.53 16.04 -1.31
C SER B 254 20.19 16.26 0.04
N ILE B 255 20.37 15.20 0.81
CA ILE B 255 21.02 15.34 2.11
C ILE B 255 22.49 15.70 1.91
N THR B 256 23.08 15.14 0.85
CA THR B 256 24.48 15.41 0.53
C THR B 256 24.72 16.89 0.26
N GLN B 257 23.87 17.49 -0.56
CA GLN B 257 24.07 18.90 -0.87
C GLN B 257 23.86 19.79 0.35
N LEU B 258 22.91 19.43 1.22
CA LEU B 258 22.64 20.21 2.42
C LEU B 258 23.88 20.16 3.32
N VAL B 259 24.47 18.98 3.45
CA VAL B 259 25.67 18.78 4.27
C VAL B 259 26.85 19.56 3.71
N LEU B 260 27.10 19.42 2.40
CA LEU B 260 28.20 20.11 1.75
C LEU B 260 28.08 21.61 1.89
N ASN B 262 26.54 23.29 4.43
CA ASN B 262 26.85 23.62 5.81
C ASN B 262 28.31 23.50 6.18
N ARG B 263 28.95 22.41 5.77
CA ARG B 263 30.35 22.18 6.10
C ARG B 263 31.37 22.90 5.24
N TYR B 264 31.01 23.22 4.00
CA TYR B 264 31.96 23.88 3.11
C TYR B 264 31.52 25.19 2.49
N GLN B 265 30.35 25.67 2.84
CA GLN B 265 29.84 26.93 2.29
C GLN B 265 29.76 26.84 0.76
N LEU B 266 29.35 25.69 0.26
CA LEU B 266 29.21 25.52 -1.18
C LEU B 266 27.77 25.84 -1.49
N ASN B 267 27.46 26.16 -2.74
CA ASN B 267 26.10 26.46 -3.14
C ASN B 267 25.51 25.24 -3.83
N PRO B 268 24.39 24.69 -3.32
CA PRO B 268 23.77 23.52 -3.94
C PRO B 268 23.24 23.88 -5.33
N VAL B 269 23.02 22.87 -6.15
CA VAL B 269 22.51 23.11 -7.48
C VAL B 269 21.34 22.19 -7.79
N ASN B 270 20.49 22.63 -8.72
CA ASN B 270 19.35 21.86 -9.18
C ASN B 270 19.90 20.59 -9.82
N ILE B 271 19.14 19.49 -9.71
CA ILE B 271 19.55 18.23 -10.32
C ILE B 271 18.34 17.49 -10.85
N ASN B 272 18.37 17.14 -12.14
CA ASN B 272 17.28 16.36 -12.72
C ASN B 272 17.71 14.91 -12.46
N THR B 273 17.01 14.23 -11.57
CA THR B 273 17.39 12.87 -11.21
C THR B 273 16.85 11.76 -12.12
N ALA B 274 16.03 12.11 -13.10
CA ALA B 274 15.46 11.11 -13.99
C ALA B 274 16.53 10.27 -14.67
#